data_1JHR
#
_entry.id   1JHR
#
_cell.length_a   71.690
_cell.length_b   90.150
_cell.length_c   47.650
_cell.angle_alpha   90.00
_cell.angle_beta   90.00
_cell.angle_gamma   90.00
#
_symmetry.space_group_name_H-M   'P 21 21 2'
#
loop_
_entity.id
_entity.type
_entity.pdbx_description
1 polymer 'Nicotinate Mononucleotide:5,6-Dimethylbenzimidazole Phosphoribosyltransferase'
2 non-polymer 'NICOTINIC ACID'
3 non-polymer "N7-(5'-PHOSPHO-ALPHA-RIBOSYL)-2-HYDROXYPURINE"
4 water water
#
_entity_poly.entity_id   1
_entity_poly.type   'polypeptide(L)'
_entity_poly.pdbx_seq_one_letter_code
;MQTLHALLRDIPAPDAEAMARTQQHIDGLLKPPGSLGRLETLAVQLAGMPGLNGTPQVGEKAVLVMCADHGVWDEGVAVS
PKIVTAIQAANMTRGTTGVCVLAAQAGAKVHVIDVGIDAEPIPGVVNMRVARGCGNIAVGPAMSRLQAEALLLEVSRYTC
DLAQRGVTLFGVGELGMANTTPAAAMVSVFTGSDAKEVVGIGANLPPSRIDNKVDVVRRAIAINQPNPRDGIDVLSKVGG
FDLVGMTGVMLGAARCGLPVLLDGFLSYSAALAACQIAPAVRPYLIPSHFSAEKGARIALAHLSMEPYLHMAMRLGEGSG
AALAMPIVEAACAMFHNMGELAASNIVLPEGNANAT
;
_entity_poly.pdbx_strand_id   A
#
# COMPACT_ATOMS: atom_id res chain seq x y z
N LEU A 4 9.36 3.05 -18.26
CA LEU A 4 8.44 3.50 -17.21
C LEU A 4 7.18 4.13 -17.73
N HIS A 5 7.33 4.94 -18.76
CA HIS A 5 6.19 5.56 -19.40
C HIS A 5 5.50 4.46 -20.20
N ALA A 6 6.31 3.48 -20.64
CA ALA A 6 5.83 2.31 -21.34
C ALA A 6 4.95 1.55 -20.38
N LEU A 7 5.59 1.23 -19.24
CA LEU A 7 4.89 0.54 -18.18
C LEU A 7 3.56 1.20 -17.90
N LEU A 8 3.59 2.49 -17.68
CA LEU A 8 2.40 3.22 -17.34
C LEU A 8 1.39 3.25 -18.44
N ARG A 9 1.89 3.30 -19.65
CA ARG A 9 1.00 3.38 -20.78
C ARG A 9 0.19 2.11 -20.95
N ASP A 10 0.81 0.99 -20.62
CA ASP A 10 0.17 -0.29 -20.79
C ASP A 10 -0.74 -0.80 -19.68
N ILE A 11 -1.05 0.00 -18.67
CA ILE A 11 -1.96 -0.46 -17.63
C ILE A 11 -3.33 -0.62 -18.28
N PRO A 12 -3.90 -1.83 -18.20
CA PRO A 12 -5.18 -2.06 -18.83
C PRO A 12 -6.35 -1.46 -18.10
N ALA A 13 -7.34 -1.15 -18.90
CA ALA A 13 -8.59 -0.67 -18.37
C ALA A 13 -9.36 -1.88 -17.87
N PRO A 14 -10.33 -1.65 -17.00
CA PRO A 14 -11.12 -2.77 -16.52
C PRO A 14 -12.03 -3.27 -17.63
N ASP A 15 -12.33 -4.56 -17.55
CA ASP A 15 -13.17 -5.26 -18.49
C ASP A 15 -14.64 -5.07 -18.16
N ALA A 16 -15.25 -4.09 -18.80
CA ALA A 16 -16.66 -3.82 -18.54
C ALA A 16 -17.58 -4.99 -18.90
N GLU A 17 -17.19 -5.75 -19.91
CA GLU A 17 -18.00 -6.89 -20.34
C GLU A 17 -18.08 -7.92 -19.25
N ALA A 18 -16.92 -8.25 -18.69
CA ALA A 18 -16.87 -9.22 -17.63
C ALA A 18 -17.64 -8.73 -16.40
N MET A 19 -17.52 -7.43 -16.10
CA MET A 19 -18.26 -6.87 -14.96
C MET A 19 -19.77 -6.94 -15.14
N ALA A 20 -20.25 -6.71 -16.35
CA ALA A 20 -21.69 -6.79 -16.58
C ALA A 20 -22.21 -8.23 -16.36
N ARG A 21 -21.45 -9.19 -16.86
CA ARG A 21 -21.82 -10.57 -16.69
C ARG A 21 -21.80 -10.92 -15.21
N THR A 22 -20.81 -10.39 -14.51
CA THR A 22 -20.72 -10.67 -13.09
C THR A 22 -21.92 -10.12 -12.34
N GLN A 23 -22.26 -8.86 -12.63
CA GLN A 23 -23.40 -8.23 -12.00
C GLN A 23 -24.68 -9.07 -12.19
N GLN A 24 -24.92 -9.48 -13.42
CA GLN A 24 -26.09 -10.28 -13.70
C GLN A 24 -26.10 -11.59 -12.88
N HIS A 25 -24.95 -12.24 -12.84
CA HIS A 25 -24.89 -13.48 -12.08
C HIS A 25 -25.21 -13.27 -10.60
N ILE A 26 -24.63 -12.22 -10.05
CA ILE A 26 -24.83 -11.91 -8.65
C ILE A 26 -26.29 -11.66 -8.40
N ASP A 27 -26.91 -10.96 -9.32
CA ASP A 27 -28.31 -10.60 -9.16
C ASP A 27 -29.20 -11.82 -9.11
N GLY A 28 -28.77 -12.89 -9.79
CA GLY A 28 -29.54 -14.13 -9.84
C GLY A 28 -29.30 -15.06 -8.65
N LEU A 29 -28.45 -14.66 -7.72
CA LEU A 29 -28.19 -15.58 -6.64
C LEU A 29 -29.35 -15.69 -5.64
N LEU A 30 -29.34 -16.76 -4.83
CA LEU A 30 -30.36 -17.09 -3.84
C LEU A 30 -30.44 -16.12 -2.67
N LYS A 31 -30.80 -14.88 -2.95
CA LYS A 31 -30.87 -13.83 -1.92
C LYS A 31 -31.57 -12.62 -2.50
N PRO A 32 -32.05 -11.72 -1.63
CA PRO A 32 -32.66 -10.50 -2.15
C PRO A 32 -31.59 -9.68 -2.87
N PRO A 33 -31.92 -9.16 -4.03
CA PRO A 33 -30.93 -8.40 -4.76
C PRO A 33 -30.33 -7.25 -3.96
N GLY A 34 -28.98 -7.21 -4.04
CA GLY A 34 -28.13 -6.22 -3.41
C GLY A 34 -27.98 -6.43 -1.93
N SER A 35 -28.56 -7.52 -1.42
CA SER A 35 -28.52 -7.82 0.02
C SER A 35 -27.15 -8.07 0.61
N LEU A 36 -26.18 -8.47 -0.23
CA LEU A 36 -24.82 -8.66 0.29
C LEU A 36 -23.92 -7.42 0.18
N GLY A 37 -24.55 -6.29 -0.11
CA GLY A 37 -23.88 -5.00 -0.20
C GLY A 37 -22.50 -4.97 -0.81
N ARG A 38 -21.56 -4.48 -0.01
CA ARG A 38 -20.18 -4.32 -0.43
C ARG A 38 -19.44 -5.57 -0.91
N LEU A 39 -19.92 -6.73 -0.50
CA LEU A 39 -19.34 -8.01 -0.95
C LEU A 39 -19.67 -8.18 -2.43
N GLU A 40 -20.86 -7.72 -2.82
CA GLU A 40 -21.25 -7.78 -4.23
C GLU A 40 -20.42 -6.85 -5.08
N THR A 41 -20.27 -5.60 -4.61
CA THR A 41 -19.47 -4.62 -5.31
C THR A 41 -18.04 -5.07 -5.49
N LEU A 42 -17.51 -5.65 -4.43
CA LEU A 42 -16.15 -6.12 -4.48
C LEU A 42 -16.03 -7.23 -5.53
N ALA A 43 -16.98 -8.15 -5.55
CA ALA A 43 -16.91 -9.23 -6.56
C ALA A 43 -16.90 -8.68 -7.99
N VAL A 44 -17.72 -7.66 -8.20
CA VAL A 44 -17.80 -7.10 -9.53
C VAL A 44 -16.50 -6.42 -9.89
N GLN A 45 -15.91 -5.75 -8.91
CA GLN A 45 -14.66 -5.06 -9.12
C GLN A 45 -13.58 -6.03 -9.56
N LEU A 46 -13.51 -7.13 -8.83
CA LEU A 46 -12.52 -8.16 -9.13
C LEU A 46 -12.73 -8.73 -10.54
N ALA A 47 -13.98 -8.93 -10.91
CA ALA A 47 -14.27 -9.46 -12.22
C ALA A 47 -13.74 -8.58 -13.34
N GLY A 48 -13.65 -7.28 -13.10
CA GLY A 48 -13.19 -6.43 -14.19
C GLY A 48 -11.68 -6.40 -14.35
N MET A 49 -10.96 -7.03 -13.42
CA MET A 49 -9.49 -7.07 -13.45
C MET A 49 -8.97 -8.14 -14.41
N PRO A 50 -8.34 -7.73 -15.54
CA PRO A 50 -7.91 -8.64 -16.58
C PRO A 50 -7.04 -9.84 -16.20
N GLY A 51 -6.16 -9.65 -15.24
CA GLY A 51 -5.31 -10.72 -14.76
C GLY A 51 -6.12 -11.81 -14.05
N LEU A 52 -7.41 -11.56 -13.82
CA LEU A 52 -8.27 -12.52 -13.14
C LEU A 52 -9.12 -13.38 -14.06
N ASN A 53 -8.93 -13.22 -15.35
CA ASN A 53 -9.67 -14.11 -16.23
C ASN A 53 -11.21 -14.13 -16.13
N GLY A 54 -11.79 -12.93 -16.11
CA GLY A 54 -13.22 -12.68 -16.17
C GLY A 54 -14.10 -13.13 -15.04
N THR A 55 -13.49 -13.45 -13.92
CA THR A 55 -14.30 -13.90 -12.82
C THR A 55 -13.61 -13.55 -11.51
N PRO A 56 -14.39 -13.34 -10.43
CA PRO A 56 -13.76 -13.08 -9.16
C PRO A 56 -13.09 -14.38 -8.69
N GLN A 57 -11.78 -14.37 -8.54
CA GLN A 57 -11.05 -15.55 -8.06
C GLN A 57 -9.79 -15.16 -7.33
N VAL A 58 -9.33 -16.04 -6.46
CA VAL A 58 -8.13 -15.83 -5.69
C VAL A 58 -7.28 -17.07 -5.78
N GLY A 59 -6.07 -16.92 -6.31
CA GLY A 59 -5.14 -18.04 -6.44
C GLY A 59 -4.16 -17.92 -5.27
N GLU A 60 -2.91 -17.66 -5.57
CA GLU A 60 -1.97 -17.44 -4.46
C GLU A 60 -2.00 -15.99 -4.03
N LYS A 61 -1.63 -15.79 -2.76
CA LYS A 61 -1.61 -14.48 -2.10
C LYS A 61 -0.22 -14.12 -1.60
N ALA A 62 0.15 -12.85 -1.78
CA ALA A 62 1.45 -12.40 -1.32
C ALA A 62 1.37 -11.03 -0.69
N VAL A 63 2.10 -10.88 0.40
CA VAL A 63 2.25 -9.59 1.07
C VAL A 63 3.69 -9.14 0.90
N LEU A 64 3.89 -8.00 0.23
CA LEU A 64 5.23 -7.44 -0.01
C LEU A 64 5.57 -6.34 0.98
N VAL A 65 6.57 -6.58 1.81
CA VAL A 65 6.98 -5.63 2.82
C VAL A 65 8.25 -4.91 2.41
N MET A 66 8.15 -3.61 2.17
CA MET A 66 9.25 -2.78 1.75
C MET A 66 9.91 -2.12 2.96
N CYS A 67 11.17 -2.49 3.20
CA CYS A 67 11.92 -1.98 4.35
C CYS A 67 12.99 -0.99 3.97
N ALA A 68 13.04 0.09 4.75
CA ALA A 68 13.99 1.15 4.52
C ALA A 68 14.08 2.08 5.72
N ASP A 69 15.25 2.75 5.81
CA ASP A 69 15.53 3.72 6.87
C ASP A 69 15.43 5.13 6.31
N HIS A 70 15.22 6.09 7.17
CA HIS A 70 15.04 7.46 6.76
C HIS A 70 15.98 8.40 7.48
N GLY A 71 16.60 9.32 6.76
CA GLY A 71 17.49 10.24 7.45
C GLY A 71 16.73 11.12 8.46
N VAL A 72 15.45 11.38 8.19
CA VAL A 72 14.63 12.22 9.06
C VAL A 72 14.53 11.71 10.50
N TRP A 73 14.93 10.47 10.69
CA TRP A 73 14.91 9.92 12.05
C TRP A 73 15.76 10.80 13.00
N ASP A 74 16.79 11.42 12.43
CA ASP A 74 17.69 12.28 13.17
C ASP A 74 17.03 13.51 13.74
N GLU A 75 15.79 13.77 13.33
CA GLU A 75 15.07 14.97 13.77
C GLU A 75 14.25 14.72 15.04
N GLY A 76 14.40 13.54 15.63
CA GLY A 76 13.67 13.20 16.84
C GLY A 76 12.18 12.95 16.62
N VAL A 77 11.80 12.53 15.42
CA VAL A 77 10.39 12.28 15.09
C VAL A 77 9.90 10.86 15.40
N ALA A 78 10.82 9.95 15.81
CA ALA A 78 10.47 8.54 16.12
C ALA A 78 11.07 8.05 17.44
N VAL A 79 10.27 7.32 18.23
CA VAL A 79 10.74 6.80 19.51
C VAL A 79 11.46 5.49 19.37
N SER A 80 11.22 4.75 18.29
CA SER A 80 11.94 3.49 18.14
C SER A 80 13.40 3.76 17.73
N PRO A 81 14.34 3.03 18.28
CA PRO A 81 15.70 3.24 17.85
C PRO A 81 15.83 2.82 16.39
N LYS A 82 16.74 3.45 15.67
CA LYS A 82 16.93 3.16 14.26
C LYS A 82 17.07 1.70 13.88
N ILE A 83 17.84 0.97 14.66
CA ILE A 83 18.09 -0.45 14.43
C ILE A 83 16.86 -1.34 14.41
N VAL A 84 15.77 -0.84 14.99
CA VAL A 84 14.57 -1.61 14.99
C VAL A 84 14.18 -2.01 13.57
N THR A 85 14.47 -1.18 12.56
CA THR A 85 14.11 -1.55 11.18
C THR A 85 14.82 -2.83 10.78
N ALA A 86 16.12 -2.85 11.02
CA ALA A 86 16.95 -3.99 10.67
C ALA A 86 16.53 -5.23 11.46
N ILE A 87 16.28 -5.01 12.76
CA ILE A 87 15.87 -6.11 13.64
C ILE A 87 14.57 -6.80 13.23
N GLN A 88 13.56 -5.96 13.00
CA GLN A 88 12.24 -6.39 12.62
C GLN A 88 12.26 -7.05 11.24
N ALA A 89 13.13 -6.53 10.37
CA ALA A 89 13.22 -7.11 9.05
C ALA A 89 13.73 -8.55 9.15
N ALA A 90 14.67 -8.76 10.08
CA ALA A 90 15.17 -10.12 10.27
C ALA A 90 14.06 -10.99 10.83
N ASN A 91 13.32 -10.42 11.76
CA ASN A 91 12.20 -11.10 12.37
C ASN A 91 11.20 -11.53 11.33
N MET A 92 11.09 -10.72 10.30
CA MET A 92 10.15 -11.06 9.26
C MET A 92 10.50 -12.39 8.64
N THR A 93 11.80 -12.71 8.63
CA THR A 93 12.24 -13.97 8.04
C THR A 93 11.95 -15.16 8.95
N ARG A 94 11.64 -14.90 10.21
CA ARG A 94 11.37 -15.98 11.14
C ARG A 94 9.90 -16.22 11.44
N GLY A 95 9.04 -15.41 10.82
CA GLY A 95 7.59 -15.55 10.97
C GLY A 95 7.05 -15.13 12.33
N THR A 96 7.76 -14.27 13.05
CA THR A 96 7.29 -13.89 14.40
C THR A 96 6.61 -12.55 14.47
N THR A 97 6.63 -11.79 13.39
CA THR A 97 6.00 -10.49 13.38
C THR A 97 4.49 -10.57 13.16
N GLY A 98 3.86 -9.44 13.42
CA GLY A 98 2.43 -9.30 13.27
C GLY A 98 1.97 -9.64 11.86
N VAL A 99 2.63 -9.09 10.80
CA VAL A 99 2.15 -9.43 9.47
C VAL A 99 2.30 -10.90 9.20
N CYS A 100 3.45 -11.42 9.65
CA CYS A 100 3.74 -12.82 9.43
C CYS A 100 2.62 -13.70 9.94
N VAL A 101 2.26 -13.45 11.19
CA VAL A 101 1.20 -14.24 11.84
C VAL A 101 -0.16 -14.09 11.16
N LEU A 102 -0.48 -12.88 10.75
CA LEU A 102 -1.73 -12.65 10.08
C LEU A 102 -1.71 -13.19 8.67
N ALA A 103 -0.56 -13.10 8.02
CA ALA A 103 -0.49 -13.63 6.67
C ALA A 103 -0.67 -15.15 6.66
N ALA A 104 0.01 -15.84 7.59
CA ALA A 104 -0.09 -17.30 7.70
C ALA A 104 -1.55 -17.70 7.92
N GLN A 105 -2.23 -16.91 8.75
CA GLN A 105 -3.63 -17.17 9.05
C GLN A 105 -4.45 -17.08 7.76
N ALA A 106 -4.03 -16.20 6.84
CA ALA A 106 -4.74 -16.02 5.57
C ALA A 106 -4.21 -16.88 4.44
N GLY A 107 -3.16 -17.66 4.71
CA GLY A 107 -2.58 -18.51 3.70
C GLY A 107 -1.82 -17.70 2.64
N ALA A 108 -1.29 -16.57 3.06
CA ALA A 108 -0.53 -15.70 2.18
C ALA A 108 0.96 -15.82 2.48
N LYS A 109 1.80 -15.59 1.49
CA LYS A 109 3.22 -15.64 1.74
C LYS A 109 3.79 -14.23 1.87
N VAL A 110 4.70 -14.03 2.79
CA VAL A 110 5.29 -12.72 3.02
C VAL A 110 6.62 -12.57 2.30
N HIS A 111 6.73 -11.52 1.49
CA HIS A 111 7.98 -11.24 0.80
C HIS A 111 8.61 -10.01 1.44
N VAL A 112 9.80 -10.16 2.02
CA VAL A 112 10.49 -9.06 2.68
C VAL A 112 11.48 -8.48 1.72
N ILE A 113 11.32 -7.18 1.43
CA ILE A 113 12.17 -6.52 0.48
C ILE A 113 12.94 -5.35 1.09
N ASP A 114 14.25 -5.40 0.98
CA ASP A 114 15.11 -4.34 1.48
C ASP A 114 15.36 -3.34 0.37
N VAL A 115 14.77 -2.15 0.51
CA VAL A 115 14.96 -1.12 -0.48
C VAL A 115 15.86 -0.01 0.04
N GLY A 116 16.31 -0.15 1.27
CA GLY A 116 17.17 0.89 1.81
C GLY A 116 17.40 0.87 3.32
N ILE A 117 17.61 -0.31 3.90
CA ILE A 117 17.85 -0.39 5.33
C ILE A 117 19.29 0.08 5.61
N ASP A 118 19.48 0.86 6.68
CA ASP A 118 20.78 1.38 7.06
C ASP A 118 21.47 0.40 8.02
N ALA A 119 21.91 -0.72 7.45
CA ALA A 119 22.56 -1.81 8.14
C ALA A 119 23.16 -2.78 7.14
N GLU A 120 23.87 -3.79 7.62
CA GLU A 120 24.41 -4.78 6.71
C GLU A 120 23.26 -5.58 6.12
N PRO A 121 23.40 -6.12 4.92
CA PRO A 121 22.33 -6.88 4.32
C PRO A 121 21.87 -8.02 5.21
N ILE A 122 20.59 -8.33 5.16
CA ILE A 122 20.04 -9.41 5.95
C ILE A 122 19.78 -10.62 5.08
N PRO A 123 20.39 -11.72 5.46
CA PRO A 123 20.21 -12.91 4.68
C PRO A 123 18.75 -13.33 4.68
N GLY A 124 18.21 -13.68 3.52
CA GLY A 124 16.82 -14.12 3.47
C GLY A 124 15.91 -13.03 2.99
N VAL A 125 16.45 -11.81 3.05
CA VAL A 125 15.70 -10.64 2.61
C VAL A 125 15.99 -10.32 1.16
N VAL A 126 14.96 -9.96 0.40
CA VAL A 126 15.16 -9.64 -1.00
C VAL A 126 15.97 -8.34 -1.07
N ASN A 127 17.08 -8.38 -1.80
CA ASN A 127 17.93 -7.20 -1.90
C ASN A 127 17.65 -6.30 -3.11
N MET A 128 17.09 -5.10 -2.84
CA MET A 128 16.85 -4.09 -3.85
C MET A 128 17.25 -2.73 -3.28
N ARG A 129 18.24 -2.76 -2.40
CA ARG A 129 18.66 -1.57 -1.70
C ARG A 129 19.22 -0.42 -2.53
N VAL A 130 18.63 0.75 -2.33
CA VAL A 130 19.05 1.93 -3.07
C VAL A 130 20.26 2.52 -2.45
N ALA A 131 20.16 2.69 -1.14
CA ALA A 131 21.20 3.23 -0.31
C ALA A 131 20.94 2.88 1.15
N ARG A 132 21.89 3.24 2.01
CA ARG A 132 21.76 2.96 3.44
C ARG A 132 20.93 4.07 4.10
N GLY A 133 19.61 3.97 3.96
CA GLY A 133 18.70 4.99 4.48
C GLY A 133 18.56 6.12 3.46
N CYS A 134 17.44 6.84 3.43
CA CYS A 134 17.31 7.91 2.45
C CYS A 134 17.77 9.25 3.07
N GLY A 135 17.91 10.30 2.24
CA GLY A 135 18.29 11.60 2.77
C GLY A 135 17.23 12.11 3.75
N ASN A 136 17.64 13.04 4.62
CA ASN A 136 16.80 13.66 5.62
C ASN A 136 15.97 14.74 4.95
N ILE A 137 14.69 14.47 4.83
CA ILE A 137 13.80 15.38 4.12
C ILE A 137 13.68 16.75 4.75
N ALA A 138 14.06 16.87 6.01
CA ALA A 138 13.94 18.19 6.61
C ALA A 138 14.95 19.17 6.03
N VAL A 139 16.03 18.67 5.39
CA VAL A 139 17.06 19.56 4.88
C VAL A 139 17.30 19.42 3.39
N GLY A 140 16.56 18.55 2.76
CA GLY A 140 16.75 18.35 1.35
C GLY A 140 15.91 17.18 0.94
N PRO A 141 16.09 16.74 -0.30
CA PRO A 141 15.32 15.63 -0.85
C PRO A 141 15.74 14.27 -0.27
N ALA A 142 14.78 13.36 -0.30
CA ALA A 142 15.01 11.99 0.15
C ALA A 142 15.95 11.27 -0.83
N MET A 143 15.81 11.56 -2.12
CA MET A 143 16.63 10.89 -3.10
C MET A 143 16.48 11.64 -4.38
N SER A 144 17.14 11.15 -5.43
CA SER A 144 17.01 11.80 -6.72
C SER A 144 15.85 11.20 -7.51
N ARG A 145 15.37 11.98 -8.49
CA ARG A 145 14.28 11.53 -9.35
C ARG A 145 14.64 10.21 -9.99
N LEU A 146 15.87 10.16 -10.50
CA LEU A 146 16.35 8.95 -11.15
C LEU A 146 16.21 7.75 -10.25
N GLN A 147 16.65 7.94 -9.01
CA GLN A 147 16.58 6.89 -8.02
C GLN A 147 15.15 6.42 -7.81
N ALA A 148 14.25 7.38 -7.76
CA ALA A 148 12.86 7.05 -7.55
C ALA A 148 12.30 6.25 -8.71
N GLU A 149 12.58 6.71 -9.92
CA GLU A 149 12.11 6.03 -11.10
C GLU A 149 12.65 4.63 -11.24
N ALA A 150 13.95 4.47 -10.95
CA ALA A 150 14.58 3.17 -11.06
C ALA A 150 13.93 2.15 -10.12
N LEU A 151 13.73 2.58 -8.90
CA LEU A 151 13.11 1.69 -7.92
C LEU A 151 11.67 1.35 -8.30
N LEU A 152 10.93 2.37 -8.75
CA LEU A 152 9.56 2.11 -9.20
C LEU A 152 9.57 0.97 -10.20
N LEU A 153 10.46 1.10 -11.19
CA LEU A 153 10.60 0.12 -12.25
C LEU A 153 10.91 -1.26 -11.74
N GLU A 154 11.94 -1.33 -10.94
CA GLU A 154 12.38 -2.59 -10.40
C GLU A 154 11.31 -3.30 -9.57
N VAL A 155 10.68 -2.57 -8.66
CA VAL A 155 9.63 -3.19 -7.84
C VAL A 155 8.44 -3.61 -8.68
N SER A 156 8.09 -2.73 -9.65
CA SER A 156 6.99 -3.00 -10.56
C SER A 156 7.17 -4.33 -11.23
N ARG A 157 8.39 -4.55 -11.71
CA ARG A 157 8.71 -5.77 -12.41
C ARG A 157 8.69 -6.97 -11.48
N TYR A 158 9.28 -6.80 -10.33
CA TYR A 158 9.30 -7.88 -9.40
C TYR A 158 7.89 -8.36 -9.14
N THR A 159 6.99 -7.41 -8.97
CA THR A 159 5.59 -7.66 -8.68
C THR A 159 4.85 -8.48 -9.75
N CYS A 160 4.95 -8.05 -11.00
CA CYS A 160 4.27 -8.69 -12.12
C CYS A 160 4.84 -10.10 -12.37
N ASP A 161 6.13 -10.25 -12.06
CA ASP A 161 6.80 -11.53 -12.18
C ASP A 161 6.17 -12.55 -11.26
N LEU A 162 5.81 -12.12 -10.03
CA LEU A 162 5.15 -13.02 -9.08
C LEU A 162 3.84 -13.53 -9.67
N ALA A 163 3.20 -12.68 -10.47
CA ALA A 163 1.97 -13.06 -11.09
C ALA A 163 2.21 -14.30 -11.96
N GLN A 164 3.37 -14.35 -12.60
CA GLN A 164 3.72 -15.47 -13.44
C GLN A 164 3.76 -16.77 -12.64
N ARG A 165 3.95 -16.64 -11.35
CA ARG A 165 4.04 -17.77 -10.44
C ARG A 165 2.72 -18.12 -9.72
N GLY A 166 1.57 -17.60 -10.19
CA GLY A 166 0.30 -17.95 -9.56
C GLY A 166 -0.28 -16.97 -8.54
N VAL A 167 0.47 -15.93 -8.22
CA VAL A 167 -0.07 -14.97 -7.27
C VAL A 167 -1.15 -14.17 -7.98
N THR A 168 -2.30 -14.00 -7.33
CA THR A 168 -3.37 -13.24 -7.97
C THR A 168 -3.80 -12.08 -7.11
N LEU A 169 -3.28 -12.04 -5.89
CA LEU A 169 -3.69 -11.01 -4.93
C LEU A 169 -2.52 -10.52 -4.12
N PHE A 170 -2.29 -9.23 -4.14
CA PHE A 170 -1.20 -8.70 -3.40
C PHE A 170 -1.68 -7.87 -2.24
N GLY A 171 -0.80 -7.73 -1.29
CA GLY A 171 -1.01 -6.89 -0.13
C GLY A 171 0.26 -6.07 -0.04
N VAL A 172 0.18 -4.82 0.39
CA VAL A 172 1.37 -3.99 0.52
C VAL A 172 1.64 -3.69 2.00
N GLY A 173 2.91 -3.60 2.32
CA GLY A 173 3.31 -3.28 3.68
C GLY A 173 4.68 -2.61 3.69
N GLU A 174 5.08 -2.15 4.86
CA GLU A 174 6.37 -1.49 4.99
C GLU A 174 6.93 -1.68 6.40
N LEU A 175 8.18 -1.26 6.52
CA LEU A 175 8.92 -1.27 7.75
C LEU A 175 9.98 -0.17 7.65
N GLY A 176 9.95 0.79 8.57
CA GLY A 176 10.91 1.89 8.53
C GLY A 176 10.65 2.89 9.64
N MET A 177 11.52 2.87 10.65
CA MET A 177 11.41 3.79 11.77
C MET A 177 11.37 5.21 11.21
N ALA A 178 10.42 6.02 11.71
CA ALA A 178 10.23 7.42 11.31
C ALA A 178 9.42 7.61 10.01
N ASN A 179 9.00 6.52 9.37
CA ASN A 179 8.27 6.63 8.11
C ASN A 179 6.94 7.36 8.14
N THR A 180 6.33 7.51 9.31
CA THR A 180 5.06 8.23 9.32
C THR A 180 5.25 9.71 9.06
N THR A 181 6.51 10.12 9.16
CA THR A 181 6.87 11.49 8.91
C THR A 181 6.79 11.85 7.41
N PRO A 182 7.53 11.14 6.56
CA PRO A 182 7.41 11.40 5.12
C PRO A 182 5.98 11.12 4.64
N ALA A 183 5.34 10.12 5.24
CA ALA A 183 3.97 9.80 4.87
C ALA A 183 3.07 11.00 5.12
N ALA A 184 3.24 11.62 6.27
CA ALA A 184 2.43 12.80 6.54
C ALA A 184 2.73 13.94 5.55
N ALA A 185 4.00 14.12 5.23
CA ALA A 185 4.35 15.20 4.31
C ALA A 185 3.69 15.00 2.96
N MET A 186 3.72 13.75 2.46
CA MET A 186 3.10 13.44 1.17
C MET A 186 1.61 13.71 1.20
N VAL A 187 0.98 13.27 2.27
CA VAL A 187 -0.43 13.47 2.41
C VAL A 187 -0.77 14.95 2.41
N SER A 188 0.01 15.70 3.16
CA SER A 188 -0.21 17.12 3.21
C SER A 188 -0.15 17.74 1.81
N VAL A 189 0.90 17.37 1.11
CA VAL A 189 1.13 17.85 -0.22
C VAL A 189 0.01 17.51 -1.20
N PHE A 190 -0.32 16.22 -1.29
CA PHE A 190 -1.33 15.78 -2.24
C PHE A 190 -2.74 16.28 -1.97
N THR A 191 -3.10 16.36 -0.71
CA THR A 191 -4.44 16.74 -0.34
C THR A 191 -4.60 18.22 -0.09
N GLY A 192 -3.49 18.91 0.12
CA GLY A 192 -3.55 20.32 0.40
C GLY A 192 -3.97 20.60 1.82
N SER A 193 -3.73 19.64 2.71
CA SER A 193 -4.10 19.86 4.11
C SER A 193 -2.94 20.41 4.90
N ASP A 194 -3.23 21.13 5.94
CA ASP A 194 -2.14 21.62 6.73
C ASP A 194 -1.54 20.47 7.52
N ALA A 195 -0.22 20.56 7.72
CA ALA A 195 0.52 19.58 8.45
C ALA A 195 -0.12 19.16 9.76
N LYS A 196 -0.61 20.11 10.52
CA LYS A 196 -1.16 19.74 11.82
C LYS A 196 -2.30 18.74 11.70
N GLU A 197 -3.07 18.87 10.63
CA GLU A 197 -4.21 18.01 10.42
C GLU A 197 -3.87 16.55 10.09
N VAL A 198 -2.68 16.31 9.56
CA VAL A 198 -2.34 14.97 9.14
C VAL A 198 -1.17 14.34 9.85
N VAL A 199 -0.61 15.03 10.81
CA VAL A 199 0.52 14.46 11.53
C VAL A 199 0.00 13.73 12.76
N GLY A 200 0.35 12.42 12.89
CA GLY A 200 -0.10 11.63 14.03
C GLY A 200 0.99 11.15 14.97
N ILE A 201 0.63 10.25 15.88
CA ILE A 201 1.55 9.71 16.87
C ILE A 201 2.46 8.57 16.35
N GLY A 202 2.24 8.11 15.11
CA GLY A 202 3.09 7.03 14.57
C GLY A 202 3.17 5.86 15.57
N ALA A 203 4.39 5.36 15.79
CA ALA A 203 4.56 4.24 16.72
C ALA A 203 4.72 4.76 18.14
N ASN A 204 3.60 5.21 18.70
CA ASN A 204 3.59 5.71 20.06
C ASN A 204 4.48 6.94 20.31
N LEU A 205 4.47 7.91 19.41
CA LEU A 205 5.24 9.11 19.69
C LEU A 205 4.55 9.87 20.84
N PRO A 206 5.27 10.27 21.89
CA PRO A 206 4.68 11.00 22.99
C PRO A 206 4.02 12.30 22.56
N PRO A 207 2.86 12.59 23.15
CA PRO A 207 2.11 13.77 22.80
C PRO A 207 2.92 15.06 22.87
N SER A 208 3.90 15.07 23.75
CA SER A 208 4.76 16.23 23.88
C SER A 208 5.44 16.52 22.55
N ARG A 209 6.10 15.45 22.06
CA ARG A 209 6.92 15.40 20.86
C ARG A 209 6.22 15.71 19.53
N ILE A 210 4.91 15.85 19.55
CA ILE A 210 4.19 16.12 18.33
C ILE A 210 4.59 17.40 17.59
N ASP A 211 4.61 18.50 18.32
CA ASP A 211 4.94 19.79 17.77
C ASP A 211 6.15 19.74 16.87
N ASN A 212 7.18 19.11 17.39
CA ASN A 212 8.41 18.98 16.63
C ASN A 212 8.17 18.25 15.31
N LYS A 213 7.35 17.21 15.40
CA LYS A 213 7.04 16.43 14.22
C LYS A 213 6.35 17.31 13.19
N VAL A 214 5.42 18.15 13.65
CA VAL A 214 4.71 19.03 12.73
C VAL A 214 5.67 20.00 12.05
N ASP A 215 6.53 20.62 12.85
CA ASP A 215 7.50 21.56 12.29
C ASP A 215 8.39 20.91 11.24
N VAL A 216 8.86 19.69 11.54
CA VAL A 216 9.72 18.94 10.61
C VAL A 216 9.04 18.76 9.25
N VAL A 217 7.74 18.38 9.29
CA VAL A 217 6.95 18.18 8.09
C VAL A 217 6.89 19.47 7.26
N ARG A 218 6.57 20.57 7.95
CA ARG A 218 6.47 21.89 7.30
C ARG A 218 7.80 22.26 6.67
N ARG A 219 8.86 22.02 7.44
CA ARG A 219 10.20 22.30 6.98
C ARG A 219 10.49 21.55 5.69
N ALA A 220 10.17 20.25 5.70
CA ALA A 220 10.43 19.39 4.54
C ALA A 220 9.80 19.94 3.27
N ILE A 221 8.59 20.40 3.44
CA ILE A 221 7.84 20.91 2.33
C ILE A 221 8.38 22.24 1.82
N ALA A 222 8.63 23.14 2.79
CA ALA A 222 9.13 24.45 2.42
C ALA A 222 10.44 24.33 1.70
N ILE A 223 11.31 23.49 2.25
CA ILE A 223 12.61 23.33 1.68
C ILE A 223 12.62 22.70 0.31
N ASN A 224 11.84 21.62 0.17
CA ASN A 224 11.83 20.91 -1.10
C ASN A 224 10.89 21.42 -2.16
N GLN A 225 9.79 22.04 -1.75
CA GLN A 225 8.85 22.55 -2.75
C GLN A 225 8.46 21.48 -3.72
N PRO A 226 7.88 20.41 -3.22
CA PRO A 226 7.46 19.34 -4.10
C PRO A 226 6.28 19.78 -4.93
N ASN A 227 6.24 19.34 -6.17
CA ASN A 227 5.13 19.65 -7.05
C ASN A 227 4.04 18.57 -6.92
N PRO A 228 2.88 18.98 -6.37
CA PRO A 228 1.76 18.10 -6.13
C PRO A 228 1.17 17.45 -7.38
N ARG A 229 1.41 18.05 -8.53
CA ARG A 229 0.88 17.50 -9.73
C ARG A 229 1.82 16.44 -10.26
N ASP A 230 2.98 16.33 -9.63
CA ASP A 230 3.97 15.35 -10.05
C ASP A 230 4.30 14.38 -8.91
N GLY A 231 3.62 13.22 -8.92
CA GLY A 231 3.75 12.17 -7.93
C GLY A 231 5.17 11.68 -7.73
N ILE A 232 5.95 11.65 -8.81
CA ILE A 232 7.33 11.20 -8.70
C ILE A 232 8.14 12.28 -8.01
N ASP A 233 7.81 13.53 -8.33
CA ASP A 233 8.48 14.66 -7.71
C ASP A 233 8.27 14.63 -6.20
N VAL A 234 7.04 14.39 -5.81
CA VAL A 234 6.75 14.36 -4.41
C VAL A 234 7.44 13.22 -3.70
N LEU A 235 7.32 12.00 -4.25
CA LEU A 235 7.95 10.83 -3.66
C LEU A 235 9.45 11.03 -3.44
N SER A 236 10.11 11.51 -4.50
CA SER A 236 11.56 11.69 -4.46
C SER A 236 12.05 12.75 -3.46
N LYS A 237 11.28 13.80 -3.30
CA LYS A 237 11.62 14.92 -2.43
C LYS A 237 11.28 14.67 -0.97
N VAL A 238 10.03 14.36 -0.69
CA VAL A 238 9.58 14.17 0.68
C VAL A 238 9.04 12.79 1.01
N GLY A 239 9.34 11.80 0.17
CA GLY A 239 8.91 10.43 0.47
C GLY A 239 10.10 9.64 1.09
N GLY A 240 10.20 8.35 0.76
CA GLY A 240 11.26 7.48 1.25
C GLY A 240 11.33 6.27 0.34
N PHE A 241 12.38 5.43 0.46
CA PHE A 241 12.50 4.25 -0.40
C PHE A 241 11.37 3.26 -0.18
N ASP A 242 10.96 3.11 1.07
CA ASP A 242 9.87 2.22 1.41
C ASP A 242 8.56 2.66 0.72
N LEU A 243 8.29 3.97 0.79
CA LEU A 243 7.08 4.53 0.17
C LEU A 243 7.10 4.37 -1.34
N VAL A 244 8.26 4.64 -1.90
CA VAL A 244 8.41 4.47 -3.33
C VAL A 244 8.14 3.00 -3.67
N GLY A 245 8.72 2.08 -2.89
CA GLY A 245 8.54 0.66 -3.10
C GLY A 245 7.07 0.23 -3.12
N MET A 246 6.28 0.77 -2.16
CA MET A 246 4.85 0.45 -2.08
C MET A 246 4.10 0.94 -3.34
N THR A 247 4.44 2.16 -3.74
CA THR A 247 3.88 2.73 -4.95
C THR A 247 4.17 1.80 -6.14
N GLY A 248 5.39 1.26 -6.17
CA GLY A 248 5.82 0.35 -7.22
C GLY A 248 5.02 -0.96 -7.26
N VAL A 249 4.60 -1.46 -6.10
CA VAL A 249 3.82 -2.68 -6.09
C VAL A 249 2.46 -2.40 -6.75
N MET A 250 1.92 -1.24 -6.40
CA MET A 250 0.67 -0.78 -6.94
C MET A 250 0.75 -0.60 -8.44
N LEU A 251 1.83 -0.02 -8.92
CA LEU A 251 1.91 0.17 -10.36
C LEU A 251 2.08 -1.17 -11.06
N GLY A 252 2.86 -2.05 -10.43
CA GLY A 252 3.11 -3.36 -10.99
C GLY A 252 1.87 -4.26 -11.04
N ALA A 253 1.13 -4.29 -9.94
CA ALA A 253 -0.09 -5.09 -9.89
C ALA A 253 -1.10 -4.58 -10.94
N ALA A 254 -1.21 -3.27 -11.05
CA ALA A 254 -2.15 -2.74 -12.01
C ALA A 254 -1.74 -3.08 -13.43
N ARG A 255 -0.45 -2.94 -13.72
CA ARG A 255 0.03 -3.27 -15.06
C ARG A 255 -0.26 -4.73 -15.37
N CYS A 256 -0.12 -5.54 -14.33
CA CYS A 256 -0.37 -6.95 -14.39
C CYS A 256 -1.87 -7.24 -14.43
N GLY A 257 -2.71 -6.21 -14.24
CA GLY A 257 -4.16 -6.40 -14.22
C GLY A 257 -4.65 -7.13 -12.97
N LEU A 258 -3.94 -6.95 -11.85
CA LEU A 258 -4.33 -7.64 -10.63
C LEU A 258 -4.60 -6.70 -9.47
N PRO A 259 -5.38 -7.21 -8.50
CA PRO A 259 -5.78 -6.45 -7.32
C PRO A 259 -4.70 -6.37 -6.26
N VAL A 260 -4.68 -5.22 -5.59
CA VAL A 260 -3.77 -4.92 -4.50
C VAL A 260 -4.55 -4.42 -3.30
N LEU A 261 -4.31 -5.04 -2.17
CA LEU A 261 -4.93 -4.61 -0.94
C LEU A 261 -4.06 -3.56 -0.25
N LEU A 262 -4.62 -2.40 0.05
CA LEU A 262 -3.90 -1.39 0.78
C LEU A 262 -3.79 -1.85 2.25
N ASP A 263 -2.98 -1.15 3.01
CA ASP A 263 -2.80 -1.43 4.42
C ASP A 263 -3.30 -0.23 5.19
N GLY A 264 -2.42 0.45 5.91
CA GLY A 264 -2.78 1.63 6.68
C GLY A 264 -2.29 2.96 6.11
N PHE A 265 -1.99 3.89 7.03
CA PHE A 265 -1.53 5.24 6.73
C PHE A 265 -0.39 5.34 5.71
N LEU A 266 0.71 4.59 5.94
CA LEU A 266 1.82 4.66 5.00
C LEU A 266 1.34 4.29 3.60
N SER A 267 0.55 3.21 3.53
CA SER A 267 0.01 2.74 2.26
C SER A 267 -0.89 3.77 1.61
N TYR A 268 -1.66 4.50 2.41
CA TYR A 268 -2.50 5.53 1.79
C TYR A 268 -1.63 6.59 1.12
N SER A 269 -0.51 6.96 1.75
CA SER A 269 0.31 7.97 1.14
C SER A 269 0.86 7.52 -0.22
N ALA A 270 1.26 6.24 -0.28
CA ALA A 270 1.80 5.63 -1.47
C ALA A 270 0.73 5.54 -2.55
N ALA A 271 -0.50 5.30 -2.12
CA ALA A 271 -1.59 5.19 -3.06
C ALA A 271 -1.92 6.54 -3.71
N LEU A 272 -1.82 7.61 -2.93
CA LEU A 272 -2.06 8.94 -3.46
C LEU A 272 -1.08 9.24 -4.60
N ALA A 273 0.18 8.88 -4.38
CA ALA A 273 1.25 9.07 -5.37
C ALA A 273 1.00 8.23 -6.59
N ALA A 274 0.66 6.96 -6.38
CA ALA A 274 0.40 6.07 -7.49
C ALA A 274 -0.75 6.59 -8.40
N CYS A 275 -1.81 7.02 -7.76
CA CYS A 275 -2.97 7.52 -8.49
C CYS A 275 -2.67 8.83 -9.19
N GLN A 276 -1.73 9.58 -8.62
CA GLN A 276 -1.32 10.86 -9.20
C GLN A 276 -0.51 10.57 -10.46
N ILE A 277 0.34 9.57 -10.34
CA ILE A 277 1.21 9.17 -11.41
C ILE A 277 0.45 8.50 -12.52
N ALA A 278 -0.49 7.64 -12.13
CA ALA A 278 -1.28 6.90 -13.11
C ALA A 278 -2.65 6.64 -12.54
N PRO A 279 -3.62 7.42 -12.98
CA PRO A 279 -4.97 7.27 -12.49
C PRO A 279 -5.56 5.92 -12.83
N ALA A 280 -5.02 5.30 -13.89
CA ALA A 280 -5.46 3.98 -14.32
C ALA A 280 -5.24 2.95 -13.23
N VAL A 281 -4.44 3.31 -12.24
CA VAL A 281 -4.16 2.39 -11.15
C VAL A 281 -5.34 2.15 -10.20
N ARG A 282 -6.14 3.19 -10.08
CA ARG A 282 -7.28 3.24 -9.14
C ARG A 282 -8.18 2.03 -9.03
N PRO A 283 -8.64 1.56 -10.15
CA PRO A 283 -9.55 0.43 -10.16
C PRO A 283 -9.01 -0.88 -9.59
N TYR A 284 -7.70 -0.97 -9.46
CA TYR A 284 -7.05 -2.17 -8.94
C TYR A 284 -6.85 -2.17 -7.42
N LEU A 285 -7.03 -1.00 -6.81
CA LEU A 285 -6.80 -0.84 -5.38
C LEU A 285 -7.98 -1.24 -4.54
N ILE A 286 -7.70 -1.92 -3.42
CA ILE A 286 -8.75 -2.35 -2.52
C ILE A 286 -8.38 -1.95 -1.10
N PRO A 287 -9.21 -1.14 -0.44
CA PRO A 287 -8.92 -0.76 0.93
C PRO A 287 -9.04 -1.97 1.86
N SER A 288 -8.38 -1.92 3.02
CA SER A 288 -8.47 -2.99 3.98
C SER A 288 -9.09 -2.46 5.25
N HIS A 289 -8.28 -1.73 6.01
CA HIS A 289 -8.76 -1.22 7.25
C HIS A 289 -8.60 0.29 7.35
N PHE A 290 -9.22 0.82 8.39
CA PHE A 290 -9.20 2.24 8.67
C PHE A 290 -8.14 2.51 9.75
N SER A 291 -6.97 2.96 9.34
CA SER A 291 -5.88 3.23 10.27
C SER A 291 -6.27 4.20 11.39
N ALA A 292 -5.73 3.97 12.59
CA ALA A 292 -5.94 4.83 13.75
C ALA A 292 -5.03 6.09 13.70
N GLU A 293 -4.25 6.24 12.64
CA GLU A 293 -3.41 7.42 12.48
C GLU A 293 -4.30 8.63 12.18
N LYS A 294 -3.95 9.77 12.80
CA LYS A 294 -4.67 11.03 12.68
C LYS A 294 -5.08 11.43 11.26
N GLY A 295 -4.13 11.39 10.30
CA GLY A 295 -4.40 11.80 8.93
C GLY A 295 -5.13 10.77 8.06
N ALA A 296 -5.51 9.64 8.66
CA ALA A 296 -6.19 8.57 7.91
C ALA A 296 -7.44 9.03 7.17
N ARG A 297 -8.35 9.71 7.89
CA ARG A 297 -9.59 10.14 7.26
C ARG A 297 -9.40 11.03 6.04
N ILE A 298 -8.51 12.00 6.17
CA ILE A 298 -8.21 12.93 5.10
C ILE A 298 -7.68 12.20 3.91
N ALA A 299 -6.69 11.35 4.19
CA ALA A 299 -6.07 10.55 3.13
C ALA A 299 -7.09 9.71 2.37
N LEU A 300 -7.94 9.00 3.11
CA LEU A 300 -8.95 8.14 2.52
C LEU A 300 -9.99 8.91 1.71
N ALA A 301 -10.35 10.12 2.20
CA ALA A 301 -11.35 10.94 1.52
C ALA A 301 -10.82 11.31 0.15
N HIS A 302 -9.54 11.61 0.10
CA HIS A 302 -8.97 11.96 -1.20
C HIS A 302 -8.90 10.79 -2.17
N LEU A 303 -8.79 9.55 -1.65
CA LEU A 303 -8.75 8.37 -2.49
C LEU A 303 -10.16 7.91 -2.74
N SER A 304 -11.09 8.55 -2.03
CA SER A 304 -12.50 8.19 -2.13
C SER A 304 -12.70 6.72 -1.80
N MET A 305 -12.06 6.27 -0.72
CA MET A 305 -12.17 4.87 -0.31
C MET A 305 -12.73 4.77 1.08
N GLU A 306 -13.52 3.75 1.28
CA GLU A 306 -14.12 3.46 2.56
C GLU A 306 -13.66 2.06 2.98
N PRO A 307 -12.77 1.96 3.95
CA PRO A 307 -12.27 0.65 4.32
C PRO A 307 -13.33 -0.30 4.87
N TYR A 308 -13.06 -1.60 4.77
CA TYR A 308 -14.02 -2.55 5.29
C TYR A 308 -13.92 -2.77 6.81
N LEU A 309 -12.70 -2.74 7.31
CA LEU A 309 -12.39 -3.02 8.69
C LEU A 309 -12.08 -1.81 9.55
N HIS A 310 -12.77 -1.74 10.70
CA HIS A 310 -12.55 -0.71 11.69
C HIS A 310 -11.98 -1.41 12.92
N MET A 311 -10.64 -1.52 12.97
CA MET A 311 -9.96 -2.24 14.05
C MET A 311 -9.07 -1.38 14.93
N ALA A 312 -9.04 -0.07 14.64
CA ALA A 312 -8.15 0.86 15.35
C ALA A 312 -6.69 0.42 15.27
N MET A 313 -6.33 -0.27 14.17
CA MET A 313 -4.94 -0.73 14.02
C MET A 313 -3.98 0.35 13.54
N ARG A 314 -2.74 0.21 13.97
CA ARG A 314 -1.70 1.17 13.62
C ARG A 314 -0.31 0.55 13.73
N LEU A 315 -0.21 -0.69 13.30
CA LEU A 315 1.05 -1.38 13.33
C LEU A 315 1.82 -1.21 12.05
N GLY A 316 1.10 -1.30 10.92
CA GLY A 316 1.77 -1.27 9.64
C GLY A 316 2.22 -2.69 9.30
N GLU A 317 3.29 -2.79 8.49
CA GLU A 317 3.88 -4.07 8.03
C GLU A 317 3.05 -4.81 6.97
N GLY A 318 1.87 -4.28 6.67
CA GLY A 318 0.95 -4.95 5.78
C GLY A 318 0.01 -5.83 6.61
N SER A 319 -0.02 -5.61 7.92
CA SER A 319 -0.88 -6.43 8.79
C SER A 319 -2.37 -6.32 8.48
N GLY A 320 -2.87 -5.11 8.17
CA GLY A 320 -4.28 -4.89 7.84
C GLY A 320 -4.65 -5.54 6.50
N ALA A 321 -3.73 -5.45 5.54
CA ALA A 321 -3.90 -6.07 4.24
C ALA A 321 -4.18 -7.58 4.40
N ALA A 322 -3.35 -8.25 5.21
CA ALA A 322 -3.49 -9.68 5.46
C ALA A 322 -4.82 -10.00 6.11
N LEU A 323 -5.20 -9.18 7.05
CA LEU A 323 -6.42 -9.36 7.77
C LEU A 323 -7.63 -9.26 6.84
N ALA A 324 -7.52 -8.47 5.76
CA ALA A 324 -8.64 -8.35 4.83
C ALA A 324 -8.71 -9.42 3.73
N MET A 325 -7.66 -10.20 3.57
CA MET A 325 -7.67 -11.22 2.52
C MET A 325 -8.87 -12.17 2.56
N PRO A 326 -9.27 -12.59 3.75
CA PRO A 326 -10.40 -13.48 3.83
C PRO A 326 -11.65 -12.85 3.31
N ILE A 327 -11.71 -11.53 3.37
CA ILE A 327 -12.89 -10.86 2.87
C ILE A 327 -12.96 -10.96 1.36
N VAL A 328 -11.79 -10.83 0.73
CA VAL A 328 -11.73 -10.93 -0.71
C VAL A 328 -12.13 -12.35 -1.11
N GLU A 329 -11.62 -13.31 -0.38
CA GLU A 329 -11.98 -14.68 -0.68
C GLU A 329 -13.45 -14.97 -0.46
N ALA A 330 -14.06 -14.27 0.52
CA ALA A 330 -15.46 -14.45 0.80
C ALA A 330 -16.33 -13.99 -0.38
N ALA A 331 -15.92 -12.89 -1.01
CA ALA A 331 -16.67 -12.38 -2.15
C ALA A 331 -16.62 -13.39 -3.29
N CYS A 332 -15.49 -14.08 -3.43
CA CYS A 332 -15.37 -15.06 -4.50
C CYS A 332 -16.25 -16.30 -4.23
N ALA A 333 -16.23 -16.73 -2.97
CA ALA A 333 -17.03 -17.87 -2.53
C ALA A 333 -18.51 -17.61 -2.75
N MET A 334 -18.93 -16.41 -2.36
CA MET A 334 -20.31 -16.04 -2.55
C MET A 334 -20.67 -16.20 -4.02
N PHE A 335 -19.83 -15.59 -4.87
CA PHE A 335 -20.03 -15.57 -6.30
C PHE A 335 -20.12 -16.95 -6.90
N HIS A 336 -19.19 -17.81 -6.53
CA HIS A 336 -19.17 -19.12 -7.12
C HIS A 336 -19.97 -20.19 -6.45
N ASN A 337 -20.22 -20.06 -5.16
CA ASN A 337 -20.89 -21.18 -4.51
C ASN A 337 -22.34 -21.03 -4.15
N MET A 338 -22.87 -19.84 -4.18
CA MET A 338 -24.27 -19.73 -3.85
C MET A 338 -25.15 -20.33 -4.91
N GLY A 339 -26.34 -20.80 -4.49
CA GLY A 339 -27.33 -21.32 -5.41
C GLY A 339 -28.04 -20.14 -6.11
N GLU A 340 -28.87 -20.46 -7.11
CA GLU A 340 -29.59 -19.46 -7.89
C GLU A 340 -31.07 -19.44 -7.65
N LEU A 341 -31.66 -18.31 -7.65
CA LEU A 341 -33.06 -18.06 -7.40
C LEU A 341 -33.95 -18.87 -8.31
N ALA A 342 -33.59 -18.84 -9.59
CA ALA A 342 -34.33 -19.52 -10.65
C ALA A 342 -34.57 -21.00 -10.39
N ALA A 343 -33.62 -21.61 -9.70
CA ALA A 343 -33.68 -23.03 -9.39
C ALA A 343 -34.50 -23.27 -8.13
N ILE A 346 -38.18 -19.40 -6.56
CA ILE A 346 -38.37 -18.15 -5.82
C ILE A 346 -38.48 -16.95 -6.76
#